data_6C7L
#
_entry.id   6C7L
#
_cell.length_a   69.304
_cell.length_b   69.304
_cell.length_c   166.644
_cell.angle_alpha   90.00
_cell.angle_beta   90.00
_cell.angle_gamma   90.00
#
_symmetry.space_group_name_H-M   'P 43 21 2'
#
loop_
_entity.id
_entity.type
_entity.pdbx_description
1 polymer 'Alcohol dehydrogenase'
2 non-polymer "2'-MONOPHOSPHOADENOSINE-5'-DIPHOSPHATE"
3 non-polymer 'PHOSPHATE ION'
4 non-polymer 1,2-ETHANEDIOL
5 non-polymer (4S)-2-METHYL-2,4-PENTANEDIOL
6 water water
#
_entity_poly.entity_id   1
_entity_poly.type   'polypeptide(L)'
_entity_poly.pdbx_seq_one_letter_code
;MFWLKTRIIEGEGSLSRLSREVKGHERVLILASGSMKRHGFLSEAEDYVKEAGAEVFSIAGLPAEPSVEVIEEFLPKVRE
FGPDLLVAMGGGSVIDTTKALKVFYDAPELNFGEIAFIDRFSKPKPVPRLKTLLIAIPSTSGAGSEVSGASVLKKGGVKY
NIVTPEIAPDVAILDPRLPRTMPPEVARNSGLDVLVHGIEAYTTKVASPFSDAMAIKAIKTVYRWLPLSVKGDEEARARV
HYAATMAGIAFLNARLGLCHAMSHKAAWIGPHGLLNAVFLPYVMEFNASKSDYARRRYAEIARELGFQTAKDLIEVVKEL
NEMLGVPKLGELVDEETFASKVEEMAEKTYHDGLIAFNPVEPKPEEIKELYLKAYRGE
;
_entity_poly.pdbx_strand_id   A
#
# COMPACT_ATOMS: atom_id res chain seq x y z
N MET A 1 10.04 -3.28 17.58
CA MET A 1 9.60 -2.02 18.18
C MET A 1 8.20 -1.66 17.67
N PHE A 2 7.68 -0.54 18.15
CA PHE A 2 6.54 0.13 17.54
C PHE A 2 6.84 1.63 17.46
N TRP A 3 6.71 2.20 16.28
CA TRP A 3 6.89 3.63 16.11
C TRP A 3 6.02 4.11 14.97
N LEU A 4 5.76 5.41 14.98
CA LEU A 4 5.01 6.05 13.91
C LEU A 4 5.56 7.45 13.76
N LYS A 5 6.22 7.70 12.63
CA LYS A 5 6.75 9.03 12.34
C LYS A 5 5.62 10.01 12.04
N THR A 6 4.65 9.55 11.28
CA THR A 6 3.68 10.40 10.62
C THR A 6 2.65 10.89 11.63
N ARG A 7 2.34 12.18 11.57
CA ARG A 7 1.19 12.77 12.25
C ARG A 7 -0.04 12.70 11.36
N ILE A 8 -1.12 12.13 11.88
CA ILE A 8 -2.31 11.88 11.09
C ILE A 8 -3.41 12.89 11.39
N ILE A 9 -3.82 13.58 10.34
CA ILE A 9 -4.98 14.46 10.36
C ILE A 9 -6.12 13.78 9.64
N GLU A 10 -7.28 13.66 10.27
CA GLU A 10 -8.39 12.87 9.72
C GLU A 10 -9.72 13.55 10.02
N GLY A 11 -10.66 13.43 9.10
CA GLY A 11 -12.01 13.94 9.35
C GLY A 11 -12.61 14.61 8.15
N GLU A 12 -13.92 14.87 8.23
CA GLU A 12 -14.62 15.56 7.13
C GLU A 12 -14.08 16.96 7.01
N GLY A 13 -13.81 17.37 5.76
CA GLY A 13 -13.31 18.70 5.48
C GLY A 13 -11.84 18.90 5.81
N SER A 14 -11.12 17.83 6.17
CA SER A 14 -9.78 17.96 6.70
C SER A 14 -8.72 18.32 5.66
N LEU A 15 -9.04 18.25 4.36
CA LEU A 15 -8.13 18.80 3.35
C LEU A 15 -7.75 20.28 3.61
N SER A 16 -8.69 21.05 4.13
CA SER A 16 -8.45 22.45 4.46
C SER A 16 -7.38 22.68 5.54
N ARG A 17 -7.10 21.66 6.33
N ARG A 17 -7.08 21.64 6.32
CA ARG A 17 -6.00 21.70 7.29
CA ARG A 17 -5.98 21.70 7.28
C ARG A 17 -4.63 21.93 6.63
C ARG A 17 -4.59 21.78 6.65
N LEU A 18 -4.51 21.63 5.33
CA LEU A 18 -3.29 21.94 4.60
CA LEU A 18 -3.31 21.98 4.57
C LEU A 18 -2.82 23.38 4.86
N SER A 19 -3.74 24.34 4.98
CA SER A 19 -3.33 25.73 5.25
C SER A 19 -2.50 25.83 6.51
N ARG A 20 -2.96 25.18 7.58
CA ARG A 20 -2.26 25.17 8.86
C ARG A 20 -0.93 24.45 8.72
N GLU A 21 -0.91 23.36 7.97
CA GLU A 21 0.29 22.56 7.84
C GLU A 21 1.38 23.19 6.99
N VAL A 22 1.03 24.11 6.10
CA VAL A 22 2.07 24.74 5.29
C VAL A 22 2.63 26.00 5.93
N LYS A 23 1.96 26.54 6.95
CA LYS A 23 2.55 27.63 7.77
C LYS A 23 4.03 27.41 8.01
N GLY A 24 4.84 28.42 7.71
CA GLY A 24 6.28 28.35 7.91
C GLY A 24 7.02 27.84 6.69
N HIS A 25 6.28 27.56 5.63
CA HIS A 25 6.87 27.13 4.37
C HIS A 25 6.36 28.05 3.29
N GLU A 26 7.21 28.35 2.34
CA GLU A 26 6.93 29.40 1.38
C GLU A 26 6.71 28.84 -0.02
N ARG A 27 7.19 27.63 -0.27
CA ARG A 27 7.17 27.07 -1.62
C ARG A 27 6.77 25.61 -1.65
N VAL A 28 5.53 25.36 -2.03
CA VAL A 28 4.97 24.03 -1.93
C VAL A 28 4.82 23.39 -3.30
N LEU A 29 5.39 22.21 -3.47
CA LEU A 29 5.19 21.46 -4.70
C LEU A 29 4.20 20.37 -4.45
N ILE A 30 3.20 20.24 -5.33
CA ILE A 30 2.18 19.16 -5.25
C ILE A 30 2.27 18.25 -6.47
N LEU A 31 2.50 16.96 -6.21
CA LEU A 31 2.30 15.94 -7.23
C LEU A 31 0.93 15.35 -7.02
N ALA A 32 0.16 15.27 -8.09
CA ALA A 32 -1.22 14.84 -8.03
C ALA A 32 -1.54 13.85 -9.15
N SER A 33 -2.52 12.98 -8.91
CA SER A 33 -3.08 12.16 -9.99
C SER A 33 -3.94 13.00 -10.91
N GLY A 34 -4.11 12.48 -12.13
CA GLY A 34 -5.06 13.06 -13.10
C GLY A 34 -6.44 13.24 -12.48
N SER A 35 -6.88 12.26 -11.71
CA SER A 35 -8.23 12.30 -11.12
C SER A 35 -8.38 13.44 -10.07
N MET A 36 -7.33 13.68 -9.30
CA MET A 36 -7.33 14.77 -8.31
C MET A 36 -7.50 16.13 -9.02
N LYS A 37 -6.84 16.29 -10.16
CA LYS A 37 -7.01 17.49 -10.97
C LYS A 37 -8.44 17.59 -11.51
N ARG A 38 -8.91 16.54 -12.19
CA ARG A 38 -10.24 16.54 -12.82
C ARG A 38 -11.38 16.81 -11.85
N HIS A 39 -11.29 16.26 -10.65
CA HIS A 39 -12.35 16.42 -9.67
C HIS A 39 -12.27 17.71 -8.91
N GLY A 40 -11.27 18.53 -9.22
CA GLY A 40 -11.13 19.86 -8.60
C GLY A 40 -10.40 19.87 -7.26
N PHE A 41 -9.94 18.71 -6.81
CA PHE A 41 -9.32 18.61 -5.49
C PHE A 41 -7.95 19.25 -5.48
N LEU A 42 -7.21 19.08 -6.58
CA LEU A 42 -5.93 19.77 -6.74
C LEU A 42 -6.08 21.30 -6.62
N SER A 43 -7.10 21.87 -7.26
CA SER A 43 -7.30 23.32 -7.16
C SER A 43 -7.64 23.74 -5.74
N GLU A 44 -8.37 22.90 -5.02
CA GLU A 44 -8.66 23.18 -3.62
C GLU A 44 -7.38 23.20 -2.78
N ALA A 45 -6.52 22.21 -2.98
CA ALA A 45 -5.28 22.11 -2.25
C ALA A 45 -4.39 23.33 -2.53
N GLU A 46 -4.31 23.72 -3.80
CA GLU A 46 -3.61 24.93 -4.19
C GLU A 46 -4.16 26.18 -3.48
N ASP A 47 -5.48 26.28 -3.41
CA ASP A 47 -6.16 27.37 -2.72
C ASP A 47 -5.80 27.42 -1.24
N TYR A 48 -5.81 26.25 -0.60
CA TYR A 48 -5.44 26.16 0.81
C TYR A 48 -3.99 26.56 1.06
N VAL A 49 -3.10 26.17 0.17
CA VAL A 49 -1.69 26.57 0.24
C VAL A 49 -1.54 28.09 0.09
N LYS A 50 -2.23 28.67 -0.89
CA LYS A 50 -2.12 30.12 -1.12
C LYS A 50 -2.71 30.93 0.05
N GLU A 51 -3.82 30.47 0.64
CA GLU A 51 -4.34 31.06 1.87
C GLU A 51 -3.29 31.28 2.94
N ALA A 52 -2.42 30.28 3.10
CA ALA A 52 -1.38 30.31 4.12
C ALA A 52 -0.21 31.22 3.77
N GLY A 53 -0.19 31.81 2.58
CA GLY A 53 0.87 32.75 2.18
C GLY A 53 2.01 32.12 1.39
N ALA A 54 1.85 30.86 1.00
CA ALA A 54 2.88 30.20 0.22
C ALA A 54 2.57 30.27 -1.29
N GLU A 55 3.61 30.15 -2.09
CA GLU A 55 3.42 29.86 -3.49
CA GLU A 55 3.48 29.86 -3.52
C GLU A 55 3.38 28.35 -3.72
N VAL A 56 2.68 27.95 -4.78
CA VAL A 56 2.45 26.55 -5.04
C VAL A 56 2.69 26.28 -6.50
N PHE A 57 3.26 25.12 -6.77
CA PHE A 57 3.38 24.61 -8.12
C PHE A 57 2.97 23.16 -8.15
N SER A 58 2.25 22.75 -9.19
CA SER A 58 1.69 21.38 -9.21
C SER A 58 2.05 20.65 -10.47
N ILE A 59 2.32 19.37 -10.32
CA ILE A 59 2.55 18.48 -11.44
C ILE A 59 1.49 17.40 -11.36
N ALA A 60 0.60 17.37 -12.34
CA ALA A 60 -0.56 16.48 -12.33
C ALA A 60 -0.43 15.45 -13.45
N GLY A 61 -1.13 14.34 -13.34
CA GLY A 61 -1.11 13.31 -14.37
C GLY A 61 0.17 12.48 -14.32
N LEU A 62 0.31 11.72 -13.26
CA LEU A 62 1.48 10.89 -13.09
C LEU A 62 1.15 9.49 -13.60
N PRO A 63 2.15 8.81 -14.19
CA PRO A 63 1.92 7.44 -14.60
C PRO A 63 1.51 6.60 -13.41
N ALA A 64 0.65 5.63 -13.67
CA ALA A 64 0.18 4.72 -12.64
C ALA A 64 1.32 3.85 -12.11
N GLU A 65 2.30 3.53 -12.96
CA GLU A 65 3.45 2.75 -12.52
C GLU A 65 4.66 3.68 -12.46
N PRO A 66 5.07 4.09 -11.26
CA PRO A 66 6.14 5.09 -11.17
C PRO A 66 7.47 4.58 -11.73
N SER A 67 8.28 5.48 -12.29
CA SER A 67 9.58 5.11 -12.79
C SER A 67 10.57 6.22 -12.57
N VAL A 68 11.85 5.85 -12.39
CA VAL A 68 12.95 6.80 -12.24
C VAL A 68 13.02 7.72 -13.45
N GLU A 69 12.76 7.14 -14.62
CA GLU A 69 12.95 7.84 -15.88
C GLU A 69 11.95 8.96 -16.01
N VAL A 70 10.72 8.70 -15.62
CA VAL A 70 9.71 9.73 -15.66
C VAL A 70 9.93 10.78 -14.58
N ILE A 71 10.34 10.36 -13.40
CA ILE A 71 10.72 11.32 -12.36
C ILE A 71 11.89 12.20 -12.81
N GLU A 72 12.88 11.61 -13.49
CA GLU A 72 14.04 12.36 -14.00
CA GLU A 72 14.03 12.38 -13.97
C GLU A 72 13.62 13.40 -15.04
N GLU A 73 12.53 13.14 -15.76
CA GLU A 73 11.95 14.09 -16.70
C GLU A 73 11.47 15.40 -16.06
N PHE A 74 10.81 15.33 -14.91
CA PHE A 74 10.30 16.56 -14.30
C PHE A 74 11.12 17.07 -13.11
N LEU A 75 12.20 16.38 -12.80
CA LEU A 75 13.07 16.78 -11.72
C LEU A 75 13.67 18.18 -11.96
N PRO A 76 13.97 18.49 -13.23
CA PRO A 76 14.52 19.84 -13.47
C PRO A 76 13.53 20.94 -13.09
N LYS A 77 12.27 20.75 -13.46
CA LYS A 77 11.19 21.67 -13.07
C LYS A 77 11.07 21.78 -11.55
N VAL A 78 11.18 20.66 -10.85
CA VAL A 78 11.13 20.67 -9.39
C VAL A 78 12.29 21.44 -8.81
N ARG A 79 13.51 21.17 -9.29
CA ARG A 79 14.68 21.89 -8.82
C ARG A 79 14.58 23.41 -9.14
N GLU A 80 13.98 23.75 -10.28
CA GLU A 80 13.78 25.16 -10.63
C GLU A 80 12.85 25.89 -9.67
N PHE A 81 11.70 25.27 -9.34
CA PHE A 81 10.82 25.81 -8.31
C PHE A 81 11.47 25.84 -6.91
N GLY A 82 12.22 24.79 -6.53
CA GLY A 82 12.85 24.76 -5.20
C GLY A 82 11.89 24.71 -4.01
N PRO A 83 11.09 23.64 -3.95
CA PRO A 83 10.14 23.55 -2.86
C PRO A 83 10.82 23.39 -1.48
N ASP A 84 10.18 23.91 -0.44
CA ASP A 84 10.50 23.54 0.92
C ASP A 84 9.42 22.67 1.58
N LEU A 85 8.49 22.16 0.79
CA LEU A 85 7.47 21.23 1.25
CA LEU A 85 7.47 21.22 1.25
C LEU A 85 6.89 20.50 0.05
N LEU A 86 6.76 19.17 0.18
CA LEU A 86 6.21 18.34 -0.85
C LEU A 86 4.86 17.79 -0.39
N VAL A 87 3.90 17.78 -1.31
CA VAL A 87 2.58 17.19 -1.09
C VAL A 87 2.29 16.16 -2.15
N ALA A 88 1.86 14.98 -1.70
CA ALA A 88 1.42 13.95 -2.62
C ALA A 88 -0.08 13.77 -2.48
N MET A 89 -0.80 13.87 -3.60
CA MET A 89 -2.26 13.79 -3.60
CA MET A 89 -2.24 13.77 -3.57
C MET A 89 -2.68 12.77 -4.61
N GLY A 90 -3.20 11.64 -4.15
CA GLY A 90 -3.61 10.60 -5.08
C GLY A 90 -3.48 9.23 -4.46
N GLY A 91 -3.40 8.20 -5.30
CA GLY A 91 -3.25 6.84 -4.80
C GLY A 91 -1.87 6.55 -4.26
N GLY A 92 -1.67 5.31 -3.85
CA GLY A 92 -0.36 4.84 -3.35
C GLY A 92 0.76 5.16 -4.32
N SER A 93 0.51 5.01 -5.61
CA SER A 93 1.54 5.24 -6.60
C SER A 93 1.99 6.69 -6.64
N VAL A 94 1.07 7.64 -6.40
CA VAL A 94 1.44 9.05 -6.38
C VAL A 94 2.30 9.34 -5.15
N ILE A 95 1.95 8.73 -4.02
CA ILE A 95 2.75 8.89 -2.81
C ILE A 95 4.14 8.26 -3.00
N ASP A 96 4.20 7.11 -3.65
CA ASP A 96 5.46 6.44 -3.88
C ASP A 96 6.33 7.29 -4.78
N THR A 97 5.70 7.91 -5.79
CA THR A 97 6.42 8.70 -6.74
C THR A 97 7.05 9.90 -6.02
N THR A 98 6.27 10.51 -5.12
CA THR A 98 6.70 11.70 -4.39
C THR A 98 7.80 11.42 -3.36
N LYS A 99 7.71 10.25 -2.72
CA LYS A 99 8.77 9.75 -1.86
C LYS A 99 10.09 9.61 -2.62
N ALA A 100 10.06 8.97 -3.80
CA ALA A 100 11.29 8.83 -4.59
C ALA A 100 11.82 10.21 -5.02
N LEU A 101 10.93 11.10 -5.44
CA LEU A 101 11.32 12.48 -5.76
C LEU A 101 12.04 13.13 -4.61
N LYS A 102 11.54 12.93 -3.39
CA LYS A 102 12.19 13.49 -2.21
C LYS A 102 13.64 13.05 -2.11
N VAL A 103 13.91 11.78 -2.35
CA VAL A 103 15.27 11.25 -2.29
C VAL A 103 16.14 11.98 -3.32
N PHE A 104 15.65 12.05 -4.56
CA PHE A 104 16.45 12.67 -5.65
C PHE A 104 16.67 14.15 -5.46
N TYR A 105 15.68 14.81 -4.88
CA TYR A 105 15.71 16.24 -4.67
C TYR A 105 16.64 16.58 -3.49
N ASP A 106 16.48 15.84 -2.39
CA ASP A 106 17.24 16.13 -1.19
C ASP A 106 18.66 15.59 -1.23
N ALA A 107 18.90 14.52 -2.01
CA ALA A 107 20.20 13.86 -1.99
C ALA A 107 20.60 13.51 -3.41
N PRO A 108 20.76 14.55 -4.25
CA PRO A 108 21.05 14.35 -5.67
C PRO A 108 22.37 13.61 -5.89
N GLU A 109 23.22 13.55 -4.86
CA GLU A 109 24.49 12.84 -4.98
C GLU A 109 24.34 11.31 -4.96
N LEU A 110 23.21 10.80 -4.48
CA LEU A 110 23.05 9.34 -4.37
C LEU A 110 22.91 8.67 -5.72
N ASN A 111 23.50 7.47 -5.85
N ASN A 111 23.42 7.45 -5.82
CA ASN A 111 23.25 6.58 -6.98
CA ASN A 111 23.23 6.68 -7.02
C ASN A 111 22.05 5.71 -6.69
C ASN A 111 22.12 5.64 -6.77
N PHE A 112 21.08 5.71 -7.60
CA PHE A 112 19.83 4.98 -7.37
C PHE A 112 20.07 3.51 -7.06
N GLY A 113 20.95 2.89 -7.84
CA GLY A 113 21.17 1.43 -7.74
C GLY A 113 21.90 0.99 -6.50
N GLU A 114 22.56 1.96 -5.86
CA GLU A 114 23.23 1.75 -4.59
C GLU A 114 22.33 1.93 -3.33
N ILE A 115 21.21 2.65 -3.46
CA ILE A 115 20.29 2.83 -2.32
C ILE A 115 18.93 2.10 -2.44
N ALA A 116 18.63 1.56 -3.62
CA ALA A 116 17.40 0.82 -3.83
C ALA A 116 17.71 -0.65 -3.84
N PHE A 117 16.70 -1.49 -3.70
CA PHE A 117 16.94 -2.92 -3.74
C PHE A 117 15.88 -3.60 -4.54
N ILE A 118 16.25 -4.72 -5.18
CA ILE A 118 15.32 -5.47 -5.99
C ILE A 118 14.77 -6.63 -5.21
N ASP A 119 15.66 -7.29 -4.48
CA ASP A 119 15.33 -8.47 -3.70
C ASP A 119 16.40 -8.71 -2.64
N ARG A 120 16.39 -9.89 -2.00
CA ARG A 120 17.25 -10.08 -0.83
C ARG A 120 18.74 -10.21 -1.20
N PHE A 121 19.04 -10.26 -2.48
CA PHE A 121 20.43 -10.37 -2.96
C PHE A 121 21.01 -9.00 -3.32
N SER A 122 20.18 -7.97 -3.30
CA SER A 122 20.66 -6.59 -3.23
C SER A 122 21.27 -6.27 -1.84
N LYS A 123 22.15 -5.27 -1.83
CA LYS A 123 22.77 -4.78 -0.57
CA LYS A 123 22.81 -4.79 -0.59
C LYS A 123 22.82 -3.25 -0.58
N PRO A 124 21.66 -2.63 -0.30
CA PRO A 124 21.59 -1.18 -0.43
C PRO A 124 22.38 -0.46 0.67
N LYS A 125 22.96 0.69 0.35
CA LYS A 125 23.50 1.63 1.35
CA LYS A 125 23.49 1.59 1.38
C LYS A 125 22.35 2.36 2.03
N PRO A 126 22.53 2.76 3.29
CA PRO A 126 21.50 3.53 3.96
C PRO A 126 21.35 4.95 3.43
N VAL A 127 20.12 5.41 3.29
CA VAL A 127 19.84 6.77 2.84
C VAL A 127 20.15 7.76 3.97
N PRO A 128 20.83 8.87 3.64
CA PRO A 128 21.11 9.91 4.63
C PRO A 128 19.91 10.79 4.93
N ARG A 129 20.08 11.76 5.82
CA ARG A 129 19.02 12.69 6.20
C ARG A 129 18.38 13.40 5.00
N LEU A 130 17.05 13.30 4.91
CA LEU A 130 16.28 14.00 3.89
C LEU A 130 15.31 15.00 4.50
N LYS A 131 15.63 16.28 4.32
CA LYS A 131 15.09 17.35 5.15
C LYS A 131 13.71 17.90 4.74
N THR A 132 13.31 17.72 3.48
CA THR A 132 12.11 18.39 2.97
C THR A 132 10.84 17.71 3.54
N LEU A 133 9.99 18.48 4.19
CA LEU A 133 8.76 17.93 4.74
C LEU A 133 7.86 17.37 3.65
N LEU A 134 7.24 16.24 3.98
CA LEU A 134 6.40 15.53 3.01
C LEU A 134 5.01 15.28 3.62
N ILE A 135 3.97 15.75 2.93
CA ILE A 135 2.60 15.56 3.35
C ILE A 135 1.94 14.62 2.35
N ALA A 136 1.30 13.57 2.85
CA ALA A 136 0.68 12.56 1.97
C ALA A 136 -0.82 12.61 2.11
N ILE A 137 -1.53 12.66 0.98
CA ILE A 137 -2.97 12.83 0.97
C ILE A 137 -3.61 11.75 0.07
N PRO A 138 -3.89 10.57 0.66
CA PRO A 138 -4.37 9.46 -0.15
C PRO A 138 -5.80 9.64 -0.67
N SER A 139 -6.02 9.25 -1.93
CA SER A 139 -7.36 9.30 -2.49
C SER A 139 -7.98 7.92 -2.67
N THR A 140 -7.24 6.87 -2.29
CA THR A 140 -7.75 5.49 -2.29
C THR A 140 -7.66 4.93 -0.88
N SER A 141 -8.33 3.81 -0.65
CA SER A 141 -8.51 3.28 0.70
C SER A 141 -8.30 1.75 0.72
N GLY A 142 -7.07 1.29 0.53
CA GLY A 142 -5.89 2.12 0.24
C GLY A 142 -4.61 1.32 0.48
N ALA A 143 -3.48 1.85 0.05
CA ALA A 143 -2.23 1.10 0.12
C ALA A 143 -1.45 1.30 1.41
N GLY A 144 -1.79 2.34 2.19
CA GLY A 144 -1.04 2.69 3.41
C GLY A 144 0.34 3.32 3.20
N SER A 145 0.65 3.74 1.98
CA SER A 145 1.90 4.45 1.71
C SER A 145 2.01 5.78 2.48
N GLU A 146 0.86 6.36 2.83
CA GLU A 146 0.83 7.64 3.57
C GLU A 146 1.46 7.55 4.98
N VAL A 147 1.65 6.34 5.51
CA VAL A 147 2.40 6.17 6.75
C VAL A 147 3.66 5.25 6.66
N SER A 148 3.91 4.63 5.53
CA SER A 148 5.05 3.76 5.37
C SER A 148 6.32 4.50 4.98
N GLY A 149 7.44 3.84 5.24
CA GLY A 149 8.76 4.30 4.81
C GLY A 149 9.24 3.65 3.52
N ALA A 150 8.30 3.26 2.68
CA ALA A 150 8.63 2.46 1.51
C ALA A 150 8.12 3.09 0.23
N SER A 151 8.84 2.85 -0.84
CA SER A 151 8.42 3.23 -2.19
C SER A 151 8.82 2.14 -3.18
N VAL A 152 7.96 1.91 -4.17
CA VAL A 152 8.21 1.00 -5.27
CA VAL A 152 8.29 1.03 -5.26
C VAL A 152 8.16 1.75 -6.60
N LEU A 153 9.18 1.56 -7.44
CA LEU A 153 9.20 2.19 -8.75
C LEU A 153 10.14 1.41 -9.68
N LYS A 154 9.96 1.61 -10.97
CA LYS A 154 10.80 0.95 -11.96
C LYS A 154 11.99 1.81 -12.32
N LYS A 155 13.09 1.14 -12.66
CA LYS A 155 14.18 1.74 -13.42
CA LYS A 155 14.17 1.74 -13.41
C LYS A 155 14.68 0.75 -14.46
N GLY A 156 14.79 1.20 -15.71
CA GLY A 156 15.13 0.31 -16.80
C GLY A 156 14.17 -0.85 -16.96
N GLY A 157 12.91 -0.68 -16.56
CA GLY A 157 11.90 -1.73 -16.69
C GLY A 157 11.87 -2.71 -15.55
N VAL A 158 12.83 -2.59 -14.63
CA VAL A 158 12.92 -3.51 -13.49
C VAL A 158 12.34 -2.87 -12.22
N LYS A 159 11.66 -3.65 -11.37
CA LYS A 159 11.04 -3.10 -10.16
C LYS A 159 12.02 -3.02 -9.01
N TYR A 160 12.11 -1.82 -8.43
CA TYR A 160 12.96 -1.57 -7.29
C TYR A 160 12.14 -1.13 -6.06
N ASN A 161 12.77 -1.28 -4.90
CA ASN A 161 12.29 -0.75 -3.64
C ASN A 161 13.27 0.27 -3.06
N ILE A 162 12.74 1.27 -2.40
CA ILE A 162 13.50 2.11 -1.48
C ILE A 162 12.74 2.08 -0.15
N VAL A 163 13.45 1.77 0.94
CA VAL A 163 12.85 1.75 2.27
C VAL A 163 13.74 2.50 3.26
N THR A 164 13.21 3.56 3.86
CA THR A 164 13.92 4.32 4.88
C THR A 164 12.91 5.17 5.61
N PRO A 165 13.10 5.38 6.92
CA PRO A 165 12.22 6.28 7.65
C PRO A 165 12.27 7.71 7.12
N GLU A 166 13.32 8.04 6.37
CA GLU A 166 13.45 9.35 5.76
C GLU A 166 12.37 9.66 4.71
N ILE A 167 11.70 8.65 4.16
CA ILE A 167 10.62 8.92 3.22
C ILE A 167 9.26 8.57 3.81
N ALA A 168 9.20 8.14 5.05
CA ALA A 168 7.87 8.06 5.69
C ALA A 168 7.36 9.49 5.82
N PRO A 169 6.08 9.73 5.44
CA PRO A 169 5.59 11.10 5.43
C PRO A 169 5.55 11.72 6.80
N ASP A 170 5.83 13.03 6.88
CA ASP A 170 5.68 13.77 8.11
C ASP A 170 4.25 13.92 8.55
N VAL A 171 3.36 14.06 7.58
CA VAL A 171 1.95 14.26 7.82
C VAL A 171 1.14 13.48 6.80
N ALA A 172 0.03 12.91 7.25
CA ALA A 172 -0.97 12.31 6.37
C ALA A 172 -2.28 12.99 6.62
N ILE A 173 -2.96 13.39 5.56
CA ILE A 173 -4.28 14.00 5.71
C ILE A 173 -5.29 13.05 5.13
N LEU A 174 -6.26 12.66 5.93
CA LEU A 174 -7.26 11.66 5.55
C LEU A 174 -8.65 12.33 5.49
N ASP A 175 -8.98 12.82 4.31
CA ASP A 175 -10.25 13.49 4.06
C ASP A 175 -11.08 12.54 3.22
N PRO A 176 -12.12 11.95 3.81
CA PRO A 176 -12.90 10.91 3.13
C PRO A 176 -13.65 11.34 1.86
N ARG A 177 -13.78 12.63 1.65
CA ARG A 177 -14.34 13.13 0.39
C ARG A 177 -13.53 12.62 -0.83
N LEU A 178 -12.20 12.53 -0.69
CA LEU A 178 -11.36 12.16 -1.83
CA LEU A 178 -11.35 12.16 -1.82
C LEU A 178 -11.64 10.71 -2.28
N PRO A 179 -11.60 9.73 -1.35
CA PRO A 179 -11.92 8.36 -1.77
C PRO A 179 -13.36 8.07 -2.16
N ARG A 180 -14.28 8.96 -1.80
CA ARG A 180 -15.64 8.84 -2.33
C ARG A 180 -15.72 8.95 -3.85
N THR A 181 -14.69 9.48 -4.48
CA THR A 181 -14.64 9.49 -5.94
C THR A 181 -13.98 8.27 -6.59
N MET A 182 -13.45 7.32 -5.81
CA MET A 182 -13.00 6.03 -6.38
C MET A 182 -14.15 5.40 -7.16
N PRO A 183 -13.87 4.90 -8.37
CA PRO A 183 -14.81 3.96 -8.95
C PRO A 183 -14.91 2.66 -8.14
N PRO A 184 -15.99 1.90 -8.34
CA PRO A 184 -16.31 0.77 -7.48
C PRO A 184 -15.21 -0.28 -7.42
N GLU A 185 -14.61 -0.57 -8.58
CA GLU A 185 -13.60 -1.61 -8.61
CA GLU A 185 -13.56 -1.57 -8.69
C GLU A 185 -12.34 -1.18 -7.88
N VAL A 186 -11.99 0.10 -7.97
CA VAL A 186 -10.89 0.64 -7.20
C VAL A 186 -11.21 0.62 -5.71
N ALA A 187 -12.45 0.95 -5.33
CA ALA A 187 -12.84 0.85 -3.93
C ALA A 187 -12.75 -0.59 -3.43
N ARG A 188 -13.19 -1.54 -4.25
CA ARG A 188 -13.12 -2.95 -3.91
C ARG A 188 -11.69 -3.43 -3.74
N ASN A 189 -10.88 -3.22 -4.77
CA ASN A 189 -9.52 -3.70 -4.76
C ASN A 189 -8.66 -3.06 -3.64
N SER A 190 -8.78 -1.75 -3.48
CA SER A 190 -7.98 -1.08 -2.45
CA SER A 190 -8.02 -1.03 -2.45
C SER A 190 -8.45 -1.49 -1.06
N GLY A 191 -9.75 -1.70 -0.91
CA GLY A 191 -10.36 -2.19 0.34
C GLY A 191 -9.86 -3.56 0.72
N LEU A 192 -9.76 -4.45 -0.25
CA LEU A 192 -9.27 -5.80 0.02
C LEU A 192 -7.76 -5.79 0.32
N ASP A 193 -7.05 -4.82 -0.25
CA ASP A 193 -5.66 -4.59 0.11
C ASP A 193 -5.58 -4.27 1.62
N VAL A 194 -6.53 -3.50 2.13
CA VAL A 194 -6.52 -3.17 3.55
C VAL A 194 -6.65 -4.46 4.37
N LEU A 195 -7.61 -5.29 3.98
CA LEU A 195 -7.90 -6.53 4.67
C LEU A 195 -6.69 -7.48 4.71
N VAL A 196 -6.06 -7.66 3.56
CA VAL A 196 -4.89 -8.51 3.47
C VAL A 196 -3.68 -7.98 4.22
N HIS A 197 -3.47 -6.66 4.19
CA HIS A 197 -2.43 -6.04 4.99
C HIS A 197 -2.64 -6.31 6.48
N GLY A 198 -3.87 -6.14 6.93
CA GLY A 198 -4.21 -6.36 8.33
C GLY A 198 -3.96 -7.79 8.76
N ILE A 199 -4.43 -8.75 7.97
CA ILE A 199 -4.32 -10.14 8.34
C ILE A 199 -2.86 -10.62 8.31
N GLU A 200 -2.13 -10.23 7.28
CA GLU A 200 -0.69 -10.52 7.22
C GLU A 200 0.11 -9.87 8.34
N ALA A 201 -0.15 -8.60 8.63
CA ALA A 201 0.56 -7.91 9.72
C ALA A 201 0.32 -8.60 11.07
N TYR A 202 -0.88 -9.14 11.26
CA TYR A 202 -1.23 -9.81 12.47
C TYR A 202 -0.48 -11.12 12.65
N THR A 203 0.01 -11.72 11.57
CA THR A 203 0.58 -13.06 11.67
C THR A 203 2.07 -13.17 11.33
N THR A 204 2.76 -12.03 11.18
CA THR A 204 4.18 -12.10 10.90
C THR A 204 4.89 -12.49 12.17
N LYS A 205 6.18 -12.76 12.03
CA LYS A 205 7.01 -13.09 13.19
CA LYS A 205 7.08 -13.07 13.15
C LYS A 205 7.27 -11.88 14.11
N VAL A 206 7.12 -10.66 13.59
CA VAL A 206 7.46 -9.49 14.37
C VAL A 206 6.24 -8.65 14.80
N ALA A 207 5.06 -9.22 14.72
CA ALA A 207 3.85 -8.54 15.16
C ALA A 207 4.02 -8.24 16.66
N SER A 208 3.58 -7.06 17.07
CA SER A 208 3.55 -6.71 18.48
C SER A 208 2.10 -6.49 18.90
N PRO A 209 1.86 -6.36 20.20
CA PRO A 209 0.52 -5.94 20.63
C PRO A 209 0.07 -4.60 20.02
N PHE A 210 1.02 -3.68 19.80
CA PHE A 210 0.73 -2.34 19.35
C PHE A 210 0.35 -2.36 17.85
N SER A 211 1.06 -3.13 17.04
CA SER A 211 0.68 -3.27 15.65
C SER A 211 -0.61 -4.06 15.51
N ASP A 212 -0.81 -5.04 16.39
CA ASP A 212 -2.04 -5.84 16.40
C ASP A 212 -3.26 -4.98 16.65
N ALA A 213 -3.14 -4.01 17.54
CA ALA A 213 -4.28 -3.17 17.89
C ALA A 213 -4.80 -2.51 16.61
N MET A 214 -3.89 -1.99 15.81
CA MET A 214 -4.23 -1.35 14.54
C MET A 214 -4.68 -2.38 13.49
N ALA A 215 -3.99 -3.53 13.40
CA ALA A 215 -4.39 -4.54 12.41
C ALA A 215 -5.80 -5.06 12.68
N ILE A 216 -6.11 -5.34 13.94
CA ILE A 216 -7.44 -5.88 14.28
C ILE A 216 -8.53 -4.88 14.00
N LYS A 217 -8.33 -3.60 14.35
CA LYS A 217 -9.35 -2.65 14.02
C LYS A 217 -9.58 -2.47 12.52
N ALA A 218 -8.52 -2.46 11.75
CA ALA A 218 -8.66 -2.37 10.30
C ALA A 218 -9.45 -3.57 9.71
N ILE A 219 -9.10 -4.77 10.14
CA ILE A 219 -9.77 -5.99 9.66
C ILE A 219 -11.28 -5.94 9.92
N LYS A 220 -11.65 -5.61 11.14
CA LYS A 220 -13.05 -5.55 11.57
C LYS A 220 -13.81 -4.52 10.74
N THR A 221 -13.19 -3.37 10.54
CA THR A 221 -13.80 -2.28 9.81
C THR A 221 -14.07 -2.62 8.36
N VAL A 222 -13.07 -3.19 7.67
CA VAL A 222 -13.25 -3.59 6.29
C VAL A 222 -14.33 -4.65 6.17
N TYR A 223 -14.27 -5.65 7.04
CA TYR A 223 -15.21 -6.72 7.03
C TYR A 223 -16.65 -6.19 7.13
N ARG A 224 -16.88 -5.22 8.01
CA ARG A 224 -18.21 -4.71 8.23
C ARG A 224 -18.64 -3.74 7.14
N TRP A 225 -17.72 -2.94 6.61
CA TRP A 225 -18.11 -1.74 5.86
C TRP A 225 -17.77 -1.74 4.39
N LEU A 226 -16.87 -2.63 3.95
CA LEU A 226 -16.41 -2.54 2.57
C LEU A 226 -17.52 -2.76 1.53
N PRO A 227 -18.41 -3.72 1.77
CA PRO A 227 -19.43 -3.88 0.74
C PRO A 227 -20.34 -2.66 0.58
N LEU A 228 -20.73 -2.02 1.69
CA LEU A 228 -21.52 -0.80 1.63
C LEU A 228 -20.73 0.29 0.94
N SER A 229 -19.44 0.36 1.25
CA SER A 229 -18.60 1.38 0.68
C SER A 229 -18.51 1.24 -0.83
N VAL A 230 -18.30 0.01 -1.31
CA VAL A 230 -18.13 -0.22 -2.74
C VAL A 230 -19.37 0.24 -3.53
N LYS A 231 -20.53 0.13 -2.91
CA LYS A 231 -21.77 0.64 -3.50
C LYS A 231 -22.06 2.13 -3.24
N GLY A 232 -21.15 2.83 -2.60
CA GLY A 232 -21.16 4.30 -2.59
C GLY A 232 -21.67 4.92 -1.30
N ASP A 233 -21.78 4.15 -0.23
CA ASP A 233 -22.26 4.72 1.02
C ASP A 233 -21.21 5.68 1.59
N GLU A 234 -21.62 6.92 1.85
CA GLU A 234 -20.65 7.95 2.23
C GLU A 234 -19.94 7.67 3.55
N GLU A 235 -20.69 7.24 4.56
CA GLU A 235 -20.06 6.96 5.85
CA GLU A 235 -20.13 6.90 5.87
C GLU A 235 -19.13 5.76 5.74
N ALA A 236 -19.56 4.70 5.05
CA ALA A 236 -18.69 3.52 4.87
C ALA A 236 -17.36 3.89 4.19
N ARG A 237 -17.40 4.77 3.21
CA ARG A 237 -16.16 5.22 2.57
C ARG A 237 -15.24 5.88 3.60
N ALA A 238 -15.80 6.65 4.52
CA ALA A 238 -14.95 7.27 5.56
C ALA A 238 -14.34 6.22 6.46
N ARG A 239 -15.15 5.28 6.92
CA ARG A 239 -14.69 4.27 7.85
C ARG A 239 -13.59 3.40 7.26
N VAL A 240 -13.74 3.00 6.01
CA VAL A 240 -12.72 2.22 5.33
C VAL A 240 -11.49 3.06 5.05
N HIS A 241 -11.67 4.35 4.75
CA HIS A 241 -10.49 5.21 4.54
C HIS A 241 -9.56 5.22 5.78
N TYR A 242 -10.12 5.40 6.97
CA TYR A 242 -9.27 5.46 8.16
C TYR A 242 -8.68 4.07 8.43
N ALA A 243 -9.49 3.04 8.19
CA ALA A 243 -9.00 1.66 8.32
C ALA A 243 -7.77 1.36 7.45
N ALA A 244 -7.72 1.92 6.24
CA ALA A 244 -6.56 1.73 5.35
C ALA A 244 -5.28 2.26 5.98
N THR A 245 -5.36 3.43 6.59
CA THR A 245 -4.22 3.96 7.30
C THR A 245 -3.86 3.12 8.56
N MET A 246 -4.84 2.60 9.29
CA MET A 246 -4.60 1.73 10.45
CA MET A 246 -4.55 1.77 10.46
C MET A 246 -3.77 0.53 10.03
N ALA A 247 -4.16 -0.08 8.92
CA ALA A 247 -3.47 -1.25 8.39
C ALA A 247 -2.06 -0.88 7.93
N GLY A 248 -1.90 0.34 7.43
CA GLY A 248 -0.57 0.88 7.15
C GLY A 248 0.30 1.04 8.38
N ILE A 249 -0.27 1.52 9.48
CA ILE A 249 0.47 1.62 10.72
C ILE A 249 0.87 0.22 11.18
N ALA A 250 -0.03 -0.74 11.02
CA ALA A 250 0.28 -2.10 11.37
C ALA A 250 1.45 -2.66 10.55
N PHE A 251 1.40 -2.55 9.23
CA PHE A 251 2.43 -3.23 8.41
C PHE A 251 3.73 -2.43 8.36
N LEU A 252 3.66 -1.12 8.59
CA LEU A 252 4.87 -0.34 8.78
C LEU A 252 5.72 -0.99 9.87
N ASN A 253 5.06 -1.48 10.91
CA ASN A 253 5.76 -2.02 12.05
C ASN A 253 5.95 -3.55 11.99
N ALA A 254 4.92 -4.26 11.54
CA ALA A 254 4.92 -5.72 11.57
C ALA A 254 5.36 -6.37 10.24
N ARG A 255 5.53 -5.54 9.22
CA ARG A 255 5.85 -6.00 7.86
C ARG A 255 4.70 -6.73 7.21
N LEU A 256 4.97 -7.29 6.03
CA LEU A 256 4.01 -8.08 5.31
C LEU A 256 4.54 -9.46 5.01
N GLY A 257 3.77 -10.24 4.25
CA GLY A 257 3.99 -11.67 4.24
C GLY A 257 3.95 -12.27 2.84
N LEU A 258 3.73 -13.57 2.84
CA LEU A 258 3.80 -14.38 1.64
C LEU A 258 2.77 -13.94 0.63
N CYS A 259 1.59 -13.51 1.09
CA CYS A 259 0.56 -13.07 0.16
C CYS A 259 0.96 -11.81 -0.61
N HIS A 260 1.45 -10.81 0.10
CA HIS A 260 1.93 -9.61 -0.57
C HIS A 260 3.02 -9.95 -1.60
N ALA A 261 3.94 -10.82 -1.22
CA ALA A 261 5.05 -11.19 -2.06
C ALA A 261 4.58 -11.89 -3.35
N MET A 262 3.75 -12.92 -3.22
CA MET A 262 3.22 -13.68 -4.34
C MET A 262 2.36 -12.81 -5.23
N SER A 263 1.61 -11.90 -4.63
CA SER A 263 0.77 -10.95 -5.40
C SER A 263 1.61 -10.04 -6.27
N HIS A 264 2.67 -9.49 -5.69
CA HIS A 264 3.55 -8.62 -6.44
C HIS A 264 4.27 -9.33 -7.59
N LYS A 265 4.70 -10.56 -7.36
CA LYS A 265 5.34 -11.36 -8.41
C LYS A 265 4.35 -11.80 -9.50
N ALA A 266 3.04 -11.68 -9.22
CA ALA A 266 2.00 -12.03 -10.21
C ALA A 266 1.26 -10.80 -10.76
N ALA A 267 1.87 -9.62 -10.62
CA ALA A 267 1.23 -8.35 -10.95
C ALA A 267 0.86 -8.24 -12.44
N TRP A 268 1.66 -8.86 -13.29
CA TRP A 268 1.27 -9.03 -14.68
C TRP A 268 -0.18 -9.55 -14.87
N ILE A 269 -0.72 -10.27 -13.89
CA ILE A 269 -2.09 -10.80 -13.99
C ILE A 269 -3.20 -9.75 -13.75
N GLY A 270 -2.91 -8.71 -12.97
CA GLY A 270 -3.93 -7.73 -12.59
C GLY A 270 -3.63 -6.92 -11.36
N PRO A 271 -4.64 -6.17 -10.87
CA PRO A 271 -4.42 -5.20 -9.80
C PRO A 271 -4.00 -5.82 -8.46
N HIS A 272 -3.00 -5.23 -7.81
N HIS A 272 -3.04 -5.18 -7.79
CA HIS A 272 -2.42 -5.77 -6.60
CA HIS A 272 -2.41 -5.74 -6.61
C HIS A 272 -3.51 -6.23 -5.62
C HIS A 272 -3.46 -6.19 -5.57
N GLY A 273 -4.36 -5.27 -5.21
CA GLY A 273 -5.33 -5.51 -4.14
C GLY A 273 -6.21 -6.72 -4.45
N LEU A 274 -6.50 -6.90 -5.74
CA LEU A 274 -7.35 -7.99 -6.23
C LEU A 274 -6.61 -9.34 -6.16
N LEU A 275 -5.38 -9.34 -6.67
CA LEU A 275 -4.54 -10.53 -6.60
C LEU A 275 -4.23 -10.90 -5.16
N ASN A 276 -4.05 -9.92 -4.30
CA ASN A 276 -3.93 -10.18 -2.88
C ASN A 276 -5.16 -10.87 -2.36
N ALA A 277 -6.34 -10.40 -2.78
CA ALA A 277 -7.57 -10.97 -2.27
C ALA A 277 -7.69 -12.43 -2.71
N VAL A 278 -7.30 -12.70 -3.95
CA VAL A 278 -7.44 -14.05 -4.52
C VAL A 278 -6.50 -15.03 -3.84
N PHE A 279 -5.26 -14.60 -3.63
CA PHE A 279 -4.26 -15.46 -3.03
C PHE A 279 -4.44 -15.66 -1.54
N LEU A 280 -5.02 -14.68 -0.83
CA LEU A 280 -5.01 -14.79 0.64
C LEU A 280 -5.58 -16.10 1.17
N PRO A 281 -6.75 -16.54 0.67
CA PRO A 281 -7.30 -17.78 1.25
C PRO A 281 -6.32 -18.95 1.17
N TYR A 282 -5.54 -18.99 0.09
CA TYR A 282 -4.63 -20.10 -0.14
C TYR A 282 -3.41 -19.98 0.72
N VAL A 283 -2.96 -18.74 0.92
CA VAL A 283 -1.84 -18.46 1.81
C VAL A 283 -2.19 -18.79 3.26
N MET A 284 -3.41 -18.43 3.67
CA MET A 284 -3.83 -18.69 5.04
C MET A 284 -3.92 -20.20 5.27
N GLU A 285 -4.48 -20.90 4.30
CA GLU A 285 -4.56 -22.34 4.37
C GLU A 285 -3.17 -22.97 4.48
N PHE A 286 -2.25 -22.56 3.60
CA PHE A 286 -0.88 -23.02 3.66
C PHE A 286 -0.25 -22.75 5.04
N ASN A 287 -0.31 -21.49 5.49
CA ASN A 287 0.37 -21.13 6.73
C ASN A 287 -0.21 -21.92 7.91
N ALA A 288 -1.55 -22.04 7.98
CA ALA A 288 -2.19 -22.75 9.07
C ALA A 288 -1.82 -24.23 9.06
N SER A 289 -1.70 -24.82 7.87
CA SER A 289 -1.32 -26.23 7.76
C SER A 289 0.10 -26.51 8.29
N LYS A 290 0.98 -25.51 8.27
CA LYS A 290 2.37 -25.73 8.64
C LYS A 290 2.77 -25.07 9.96
N SER A 291 1.90 -24.26 10.55
CA SER A 291 2.25 -23.49 11.76
CA SER A 291 2.25 -23.54 11.77
C SER A 291 1.06 -23.42 12.71
N ASP A 292 1.19 -24.08 13.85
CA ASP A 292 0.19 -23.93 14.90
CA ASP A 292 0.23 -23.94 14.94
C ASP A 292 0.09 -22.47 15.35
N TYR A 293 1.19 -21.72 15.30
CA TYR A 293 1.18 -20.29 15.67
C TYR A 293 0.22 -19.55 14.72
N ALA A 294 0.39 -19.73 13.43
CA ALA A 294 -0.45 -19.06 12.44
C ALA A 294 -1.90 -19.46 12.63
N ARG A 295 -2.17 -20.75 12.81
CA ARG A 295 -3.54 -21.24 12.97
C ARG A 295 -4.22 -20.54 14.13
N ARG A 296 -3.54 -20.50 15.27
CA ARG A 296 -4.05 -19.84 16.47
C ARG A 296 -4.31 -18.34 16.23
N ARG A 297 -3.40 -17.68 15.52
CA ARG A 297 -3.57 -16.27 15.21
C ARG A 297 -4.76 -16.04 14.29
N TYR A 298 -4.94 -16.90 13.29
CA TYR A 298 -6.13 -16.81 12.44
C TYR A 298 -7.41 -17.02 13.24
N ALA A 299 -7.36 -17.88 14.26
CA ALA A 299 -8.54 -18.12 15.07
C ALA A 299 -8.87 -16.91 15.91
N GLU A 300 -7.82 -16.20 16.35
CA GLU A 300 -8.04 -14.98 17.12
C GLU A 300 -8.75 -13.92 16.29
N ILE A 301 -8.33 -13.80 15.04
CA ILE A 301 -9.01 -12.87 14.12
C ILE A 301 -10.48 -13.29 13.88
N ALA A 302 -10.68 -14.55 13.53
CA ALA A 302 -12.04 -15.14 13.48
C ALA A 302 -12.92 -14.77 14.69
N ARG A 303 -12.40 -14.92 15.90
CA ARG A 303 -13.17 -14.55 17.09
C ARG A 303 -13.52 -13.06 17.16
N GLU A 304 -12.61 -12.19 16.69
CA GLU A 304 -12.90 -10.75 16.57
C GLU A 304 -14.02 -10.46 15.57
N LEU A 305 -14.20 -11.34 14.59
CA LEU A 305 -15.23 -11.14 13.59
C LEU A 305 -16.54 -11.85 13.95
N GLY A 306 -16.55 -12.53 15.09
CA GLY A 306 -17.73 -13.22 15.57
C GLY A 306 -17.78 -14.73 15.31
N PHE A 307 -16.64 -15.32 14.94
CA PHE A 307 -16.54 -16.77 14.67
C PHE A 307 -15.52 -17.41 15.61
N GLN A 308 -14.86 -18.51 15.21
CA GLN A 308 -14.08 -19.29 16.18
CA GLN A 308 -14.08 -19.30 16.17
C GLN A 308 -12.71 -19.73 15.66
N THR A 309 -12.64 -20.20 14.42
CA THR A 309 -11.51 -21.00 13.96
C THR A 309 -10.80 -20.34 12.80
N ALA A 310 -9.58 -20.80 12.52
CA ALA A 310 -8.87 -20.47 11.30
C ALA A 310 -9.69 -20.80 10.06
N LYS A 311 -10.30 -21.99 10.06
CA LYS A 311 -11.14 -22.41 8.94
CA LYS A 311 -11.12 -22.39 8.93
C LYS A 311 -12.25 -21.39 8.71
N ASP A 312 -12.83 -20.88 9.78
CA ASP A 312 -13.87 -19.86 9.67
C ASP A 312 -13.30 -18.63 8.96
N LEU A 313 -12.09 -18.21 9.34
CA LEU A 313 -11.53 -16.99 8.76
C LEU A 313 -11.32 -17.14 7.26
N ILE A 314 -10.85 -18.32 6.85
CA ILE A 314 -10.63 -18.61 5.45
C ILE A 314 -11.96 -18.59 4.68
N GLU A 315 -12.99 -19.16 5.29
CA GLU A 315 -14.31 -19.16 4.65
C GLU A 315 -14.93 -17.74 4.60
N VAL A 316 -14.73 -16.94 5.64
CA VAL A 316 -15.17 -15.54 5.68
C VAL A 316 -14.55 -14.70 4.56
N VAL A 317 -13.25 -14.85 4.35
CA VAL A 317 -12.57 -14.12 3.30
C VAL A 317 -13.09 -14.57 1.93
N LYS A 318 -13.26 -15.87 1.74
CA LYS A 318 -13.74 -16.41 0.46
CA LYS A 318 -13.75 -16.40 0.46
C LYS A 318 -15.14 -15.88 0.13
N GLU A 319 -16.02 -15.83 1.13
CA GLU A 319 -17.39 -15.34 0.92
C GLU A 319 -17.46 -13.82 0.70
N LEU A 320 -16.60 -13.08 1.38
CA LEU A 320 -16.46 -11.66 1.11
C LEU A 320 -15.98 -11.41 -0.31
N ASN A 321 -15.01 -12.18 -0.76
CA ASN A 321 -14.57 -12.06 -2.13
C ASN A 321 -15.74 -12.29 -3.11
N GLU A 322 -16.54 -13.30 -2.86
CA GLU A 322 -17.68 -13.56 -3.73
CA GLU A 322 -17.72 -13.61 -3.70
C GLU A 322 -18.68 -12.41 -3.71
N MET A 323 -19.04 -11.96 -2.51
CA MET A 323 -19.95 -10.82 -2.33
C MET A 323 -19.49 -9.61 -3.14
N LEU A 324 -18.19 -9.42 -3.21
CA LEU A 324 -17.65 -8.26 -3.90
C LEU A 324 -17.34 -8.57 -5.37
N GLY A 325 -17.63 -9.79 -5.83
CA GLY A 325 -17.41 -10.12 -7.23
C GLY A 325 -15.97 -10.28 -7.66
N VAL A 326 -15.11 -10.69 -6.73
CA VAL A 326 -13.71 -10.96 -7.05
C VAL A 326 -13.63 -12.22 -7.89
N PRO A 327 -12.93 -12.18 -9.03
CA PRO A 327 -12.93 -13.35 -9.91
C PRO A 327 -11.97 -14.44 -9.44
N LYS A 328 -12.12 -15.63 -10.01
CA LYS A 328 -11.13 -16.70 -9.84
C LYS A 328 -9.91 -16.36 -10.67
N LEU A 329 -8.76 -16.93 -10.32
CA LEU A 329 -7.52 -16.70 -11.09
C LEU A 329 -7.74 -17.09 -12.56
N GLY A 330 -8.43 -18.22 -12.77
CA GLY A 330 -8.75 -18.74 -14.09
C GLY A 330 -9.46 -17.77 -15.01
N GLU A 331 -10.24 -16.85 -14.43
CA GLU A 331 -11.03 -15.92 -15.22
C GLU A 331 -10.20 -14.70 -15.60
N LEU A 332 -9.00 -14.59 -15.02
CA LEU A 332 -8.11 -13.48 -15.31
C LEU A 332 -7.03 -13.86 -16.33
N VAL A 333 -6.69 -15.14 -16.37
CA VAL A 333 -5.53 -15.60 -17.15
C VAL A 333 -5.62 -17.11 -17.42
N ASP A 334 -5.17 -17.53 -18.59
CA ASP A 334 -5.39 -18.90 -19.05
C ASP A 334 -4.26 -19.80 -18.58
N GLU A 335 -4.53 -21.11 -18.57
CA GLU A 335 -3.71 -22.07 -17.85
C GLU A 335 -2.31 -22.14 -18.44
N GLU A 336 -2.26 -22.16 -19.77
CA GLU A 336 -1.01 -22.26 -20.50
C GLU A 336 -0.05 -21.14 -20.04
N THR A 337 -0.55 -19.92 -20.04
CA THR A 337 0.26 -18.75 -19.70
C THR A 337 0.71 -18.81 -18.23
N PHE A 338 -0.24 -19.06 -17.32
CA PHE A 338 0.07 -19.21 -15.89
C PHE A 338 1.17 -20.25 -15.65
N ALA A 339 0.98 -21.46 -16.17
CA ALA A 339 1.97 -22.53 -15.98
C ALA A 339 3.35 -22.15 -16.52
N SER A 340 3.37 -21.31 -17.55
CA SER A 340 4.63 -20.89 -18.17
CA SER A 340 4.63 -20.89 -18.17
C SER A 340 5.38 -19.87 -17.29
N LYS A 341 4.65 -19.12 -16.48
CA LYS A 341 5.24 -18.11 -15.59
C LYS A 341 5.47 -18.60 -14.15
N VAL A 342 4.86 -19.72 -13.79
CA VAL A 342 4.76 -20.12 -12.39
C VAL A 342 6.12 -20.31 -11.75
N GLU A 343 7.07 -20.83 -12.54
CA GLU A 343 8.38 -21.16 -12.01
C GLU A 343 9.14 -19.90 -11.59
N GLU A 344 9.11 -18.86 -12.44
CA GLU A 344 9.89 -17.65 -12.17
C GLU A 344 9.26 -16.88 -11.02
N MET A 345 7.92 -16.84 -10.99
CA MET A 345 7.18 -16.14 -9.91
C MET A 345 7.52 -16.77 -8.57
N ALA A 346 7.55 -18.09 -8.55
CA ALA A 346 7.82 -18.84 -7.33
C ALA A 346 9.26 -18.64 -6.87
N GLU A 347 10.20 -18.55 -7.82
CA GLU A 347 11.60 -18.24 -7.50
C GLU A 347 11.75 -16.79 -7.02
N LYS A 348 11.14 -15.86 -7.75
CA LYS A 348 11.19 -14.45 -7.36
C LYS A 348 10.52 -14.22 -6.01
N THR A 349 9.42 -14.94 -5.76
CA THR A 349 8.80 -14.92 -4.43
C THR A 349 9.77 -15.41 -3.38
N TYR A 350 10.40 -16.55 -3.64
CA TYR A 350 11.40 -17.12 -2.75
C TYR A 350 12.60 -16.17 -2.52
N HIS A 351 12.86 -15.29 -3.49
CA HIS A 351 13.98 -14.36 -3.40
C HIS A 351 13.58 -13.04 -2.72
N ASP A 352 12.31 -12.91 -2.36
CA ASP A 352 11.83 -11.72 -1.69
C ASP A 352 12.17 -11.75 -0.19
N GLY A 353 12.73 -10.65 0.31
CA GLY A 353 13.11 -10.56 1.72
C GLY A 353 11.95 -10.72 2.71
N LEU A 354 10.72 -10.50 2.24
CA LEU A 354 9.55 -10.55 3.12
C LEU A 354 9.28 -11.94 3.64
N ILE A 355 9.68 -12.93 2.86
CA ILE A 355 9.51 -14.33 3.21
C ILE A 355 10.00 -14.63 4.61
N ALA A 356 11.09 -13.97 5.02
CA ALA A 356 11.65 -14.13 6.35
C ALA A 356 10.69 -13.80 7.51
N PHE A 357 9.65 -13.00 7.25
CA PHE A 357 8.70 -12.59 8.29
C PHE A 357 7.44 -13.45 8.30
N ASN A 358 7.19 -14.16 7.21
CA ASN A 358 6.06 -15.09 7.16
C ASN A 358 6.21 -16.14 8.27
N PRO A 359 5.09 -16.55 8.88
CA PRO A 359 5.20 -17.46 10.02
C PRO A 359 5.78 -18.83 9.64
N VAL A 360 5.72 -19.14 8.34
CA VAL A 360 6.37 -20.30 7.74
C VAL A 360 7.34 -19.85 6.64
N GLU A 361 8.53 -20.45 6.59
CA GLU A 361 9.46 -20.24 5.46
C GLU A 361 9.17 -21.27 4.39
N PRO A 362 8.60 -20.85 3.25
CA PRO A 362 8.24 -21.83 2.22
C PRO A 362 9.37 -22.12 1.24
N LYS A 363 9.42 -23.34 0.73
CA LYS A 363 10.37 -23.68 -0.32
C LYS A 363 9.86 -23.25 -1.69
N PRO A 364 10.78 -23.03 -2.64
CA PRO A 364 10.36 -22.61 -3.98
C PRO A 364 9.29 -23.54 -4.59
N GLU A 365 9.44 -24.85 -4.35
CA GLU A 365 8.46 -25.83 -4.81
C GLU A 365 7.10 -25.68 -4.15
N GLU A 366 7.11 -25.44 -2.83
CA GLU A 366 5.86 -25.20 -2.11
C GLU A 366 5.14 -23.97 -2.67
N ILE A 367 5.89 -22.90 -2.90
CA ILE A 367 5.32 -21.66 -3.45
C ILE A 367 4.74 -21.96 -4.84
N LYS A 368 5.46 -22.76 -5.63
CA LYS A 368 4.98 -23.14 -6.97
C LYS A 368 3.68 -23.93 -6.86
N GLU A 369 3.69 -24.94 -5.99
CA GLU A 369 2.47 -25.70 -5.71
C GLU A 369 1.35 -24.80 -5.21
N LEU A 370 1.69 -23.79 -4.39
CA LEU A 370 0.69 -22.86 -3.88
C LEU A 370 0.05 -22.03 -5.00
N TYR A 371 0.87 -21.54 -5.93
CA TYR A 371 0.34 -20.81 -7.08
C TYR A 371 -0.61 -21.71 -7.88
N LEU A 372 -0.23 -22.98 -8.03
CA LEU A 372 -1.01 -23.90 -8.86
C LEU A 372 -2.33 -24.22 -8.17
N LYS A 373 -2.30 -24.42 -6.85
CA LYS A 373 -3.51 -24.64 -6.10
C LYS A 373 -4.49 -23.47 -6.20
N ALA A 374 -3.99 -22.24 -6.11
CA ALA A 374 -4.85 -21.07 -6.25
C ALA A 374 -5.44 -20.98 -7.66
N TYR A 375 -4.65 -21.37 -8.65
CA TYR A 375 -5.16 -21.41 -10.02
C TYR A 375 -6.31 -22.40 -10.20
N ARG A 376 -6.18 -23.60 -9.64
CA ARG A 376 -7.25 -24.60 -9.74
C ARG A 376 -8.52 -24.12 -9.05
N GLY A 377 -8.34 -23.24 -8.06
CA GLY A 377 -9.40 -22.37 -7.60
C GLY A 377 -10.48 -23.04 -6.79
N GLU A 378 -10.16 -24.12 -6.10
CA GLU A 378 -11.15 -24.78 -5.26
C GLU A 378 -11.08 -24.30 -3.80
#